data_3B5P
#
_entry.id   3B5P
#
_cell.length_a   38.670
_cell.length_b   78.510
_cell.length_c   45.580
_cell.angle_alpha   90.000
_cell.angle_beta   112.290
_cell.angle_gamma   90.000
#
_symmetry.space_group_name_H-M   'P 1 21 1'
#
loop_
_entity.id
_entity.type
_entity.pdbx_description
1 polymer 'CADD-like protein of unknown function'
2 non-polymer 1,2-ETHANEDIOL
3 water water
#
_entity_poly.entity_id   1
_entity_poly.type   'polypeptide(L)'
_entity_poly.pdbx_seq_one_letter_code
;G(MSE)EFNHLTKQLNQLLAQDYVAFSITENPVVQ(MSE)LSQASFAQIAYV(MSE)QQYSIFPKELVGFTELARRKALG
AGWNGVAQELQENIDEE(MSE)GSTTGGISHYTLLADGLEEGLGVAVKNT(MSE)PSVATSKLLRTVLSLFDRQVDYVLG
ATYAIEATSIPELTLIVKLVEWLHEGAIPKDLQYFFSKHLDEWEIEHEAGLRTSVAAYIQPEEFGEFAAGFRA(MSE)ID
A(MSE)QVWWQELAQEAISSEVVLSTAIAQHH
;
_entity_poly.pdbx_strand_id   A
#
# COMPACT_ATOMS: atom_id res chain seq x y z
N GLY A 1 -13.57 -1.94 -18.91
CA GLY A 1 -14.88 -1.43 -19.37
C GLY A 1 -15.93 -1.54 -18.31
N GLU A 3 -18.08 -3.97 -17.38
CA GLU A 3 -18.12 -5.14 -16.49
C GLU A 3 -17.02 -5.07 -15.43
N PHE A 4 -15.80 -4.77 -15.88
CA PHE A 4 -14.65 -4.66 -14.95
C PHE A 4 -14.81 -3.50 -13.99
N ASN A 5 -15.36 -2.39 -14.48
CA ASN A 5 -15.65 -1.27 -13.61
C ASN A 5 -16.64 -1.67 -12.51
N HIS A 6 -17.62 -2.51 -12.88
CA HIS A 6 -18.61 -3.02 -11.91
C HIS A 6 -17.95 -3.88 -10.79
N LEU A 7 -16.99 -4.69 -11.18
CA LEU A 7 -16.28 -5.57 -10.23
C LEU A 7 -15.41 -4.74 -9.31
N THR A 8 -14.67 -3.80 -9.90
CA THR A 8 -13.73 -3.02 -9.10
C THR A 8 -14.47 -2.14 -8.12
N LYS A 9 -15.63 -1.64 -8.54
CA LYS A 9 -16.51 -0.87 -7.63
C LYS A 9 -16.97 -1.69 -6.41
N GLN A 10 -17.37 -2.94 -6.65
CA GLN A 10 -17.77 -3.84 -5.57
C GLN A 10 -16.61 -4.13 -4.60
N LEU A 11 -15.40 -4.37 -5.14
CA LEU A 11 -14.19 -4.61 -4.35
C LEU A 11 -13.78 -3.44 -3.45
N ASN A 12 -13.82 -2.23 -3.99
CA ASN A 12 -13.64 -1.01 -3.19
C ASN A 12 -14.65 -0.82 -2.10
N GLN A 13 -15.92 -1.10 -2.41
CA GLN A 13 -16.99 -1.05 -1.46
C GLN A 13 -16.83 -2.05 -0.31
N LEU A 14 -16.40 -3.27 -0.63
CA LEU A 14 -16.03 -4.28 0.37
C LEU A 14 -14.92 -3.79 1.32
N LEU A 15 -13.89 -3.19 0.74
CA LEU A 15 -12.78 -2.60 1.49
C LEU A 15 -13.26 -1.52 2.42
N ALA A 16 -14.12 -0.65 1.92
CA ALA A 16 -14.61 0.50 2.67
C ALA A 16 -15.62 0.15 3.77
N GLN A 17 -16.42 -0.91 3.58
CA GLN A 17 -17.45 -1.32 4.52
C GLN A 17 -17.02 -2.39 5.55
N ASP A 18 -16.08 -3.26 5.21
CA ASP A 18 -15.84 -4.48 6.02
C ASP A 18 -14.50 -4.57 6.73
N TYR A 19 -13.59 -3.62 6.53
CA TYR A 19 -12.18 -3.74 6.99
C TYR A 19 -11.75 -2.60 7.88
N VAL A 20 -11.64 -2.88 9.19
CA VAL A 20 -11.31 -1.90 10.22
C VAL A 20 -9.90 -1.33 10.08
N ALA A 21 -9.01 -2.07 9.45
CA ALA A 21 -7.59 -1.65 9.37
C ALA A 21 -7.39 -0.38 8.56
N PHE A 22 -8.29 -0.14 7.60
CA PHE A 22 -8.16 0.99 6.69
C PHE A 22 -9.04 2.16 7.04
N SER A 23 -9.78 2.03 8.16
CA SER A 23 -10.62 3.07 8.71
C SER A 23 -9.78 4.00 9.57
N ILE A 24 -10.02 5.31 9.44
CA ILE A 24 -9.20 6.31 10.11
C ILE A 24 -9.48 6.30 11.62
N THR A 25 -10.63 5.79 12.02
CA THR A 25 -11.06 5.70 13.41
C THR A 25 -10.97 4.31 14.04
N GLU A 26 -11.21 3.25 13.26
CA GLU A 26 -11.26 1.84 13.77
C GLU A 26 -9.99 1.01 13.54
N ASN A 27 -8.96 1.63 12.96
CA ASN A 27 -7.68 1.00 12.82
C ASN A 27 -7.17 0.60 14.21
N PRO A 28 -6.64 -0.64 14.36
CA PRO A 28 -6.23 -1.12 15.69
C PRO A 28 -5.03 -0.41 16.36
N VAL A 29 -4.09 0.11 15.58
CA VAL A 29 -3.08 1.04 16.12
C VAL A 29 -3.75 2.35 16.56
N VAL A 30 -4.63 2.91 15.75
CA VAL A 30 -5.23 4.19 16.07
C VAL A 30 -6.05 4.13 17.37
N GLN A 31 -6.77 3.03 17.54
CA GLN A 31 -7.65 2.77 18.67
C GLN A 31 -6.85 2.70 19.98
N LEU A 33 -3.88 4.45 20.48
CA LEU A 33 -2.96 5.62 20.56
C LEU A 33 -2.91 6.28 21.92
N SER A 34 -4.04 6.30 22.62
CA SER A 34 -4.12 6.84 23.96
C SER A 34 -3.25 6.05 24.96
N GLN A 35 -2.94 4.79 24.65
CA GLN A 35 -2.19 3.89 25.53
C GLN A 35 -0.70 3.74 25.15
N ALA A 36 -0.29 4.49 24.13
CA ALA A 36 1.03 4.33 23.52
C ALA A 36 1.99 5.46 23.92
N SER A 37 3.28 5.11 23.99
CA SER A 37 4.39 6.09 24.05
C SER A 37 4.90 6.49 22.68
N PHE A 38 5.67 7.57 22.62
CA PHE A 38 6.40 7.94 21.39
C PHE A 38 7.15 6.73 20.79
N ALA A 39 7.90 5.98 21.61
CA ALA A 39 8.76 4.90 21.09
C ALA A 39 7.95 3.75 20.46
N GLN A 40 6.79 3.49 21.03
CA GLN A 40 5.95 2.38 20.56
C GLN A 40 5.34 2.72 19.18
N ILE A 41 4.96 3.99 18.98
CA ILE A 41 4.47 4.43 17.67
C ILE A 41 5.59 4.61 16.65
N ALA A 42 6.77 5.03 17.12
CA ALA A 42 7.98 5.05 16.30
C ALA A 42 8.31 3.66 15.76
N TYR A 43 8.13 2.64 16.60
CA TYR A 43 8.28 1.22 16.19
C TYR A 43 7.28 0.86 15.11
N VAL A 44 6.04 1.36 15.25
CA VAL A 44 5.04 1.19 14.22
C VAL A 44 5.44 1.79 12.88
N GLN A 46 8.46 2.50 11.82
CA GLN A 46 9.60 1.79 11.36
C GLN A 46 9.18 0.51 10.64
N GLN A 47 8.28 -0.26 11.25
CA GLN A 47 7.79 -1.51 10.62
C GLN A 47 6.98 -1.17 9.36
N TYR A 48 6.13 -0.17 9.46
CA TYR A 48 5.36 0.23 8.29
C TYR A 48 6.30 0.46 7.08
N SER A 49 7.41 1.17 7.33
CA SER A 49 8.31 1.58 6.27
C SER A 49 8.88 0.47 5.39
N ILE A 50 8.83 -0.77 5.87
CA ILE A 50 9.36 -1.89 5.12
C ILE A 50 8.47 -2.18 3.88
N PHE A 51 7.19 -1.85 3.97
CA PHE A 51 6.32 -2.14 2.83
C PHE A 51 6.57 -1.20 1.60
N PRO A 52 6.59 0.15 1.77
CA PRO A 52 7.19 0.99 0.70
C PRO A 52 8.59 0.59 0.25
N LYS A 53 9.46 0.12 1.16
CA LYS A 53 10.81 -0.30 0.75
C LYS A 53 10.76 -1.46 -0.24
N GLU A 54 9.81 -2.38 -0.04
CA GLU A 54 9.74 -3.60 -0.82
C GLU A 54 8.74 -3.53 -1.97
N LEU A 55 8.07 -2.38 -2.14
CA LEU A 55 6.97 -2.24 -3.09
C LEU A 55 7.44 -2.33 -4.56
N VAL A 56 8.58 -1.73 -4.88
CA VAL A 56 9.09 -1.78 -6.25
C VAL A 56 9.34 -3.24 -6.67
N GLY A 57 9.91 -4.03 -5.78
CA GLY A 57 10.15 -5.46 -6.00
C GLY A 57 8.89 -6.28 -6.27
N PHE A 58 7.85 -6.08 -5.47
CA PHE A 58 6.58 -6.72 -5.75
C PHE A 58 5.95 -6.27 -7.06
N THR A 59 6.02 -4.97 -7.38
CA THR A 59 5.44 -4.46 -8.60
C THR A 59 6.18 -5.08 -9.81
N GLU A 60 7.49 -5.30 -9.64
CA GLU A 60 8.26 -5.91 -10.69
C GLU A 60 7.89 -7.37 -10.87
N LEU A 61 7.54 -8.08 -9.79
CA LEU A 61 7.06 -9.46 -9.96
C LEU A 61 5.72 -9.49 -10.72
N ALA A 62 4.85 -8.52 -10.40
CA ALA A 62 3.56 -8.36 -11.12
C ALA A 62 3.79 -8.02 -12.59
N ARG A 63 4.76 -7.15 -12.88
CA ARG A 63 5.09 -6.79 -14.26
C ARG A 63 5.56 -7.99 -15.05
N ARG A 64 6.37 -8.83 -14.42
CA ARG A 64 6.83 -10.08 -15.08
C ARG A 64 5.69 -11.09 -15.33
N LYS A 65 4.75 -11.20 -14.39
CA LYS A 65 3.53 -11.98 -14.61
C LYS A 65 2.71 -11.41 -15.78
N ALA A 66 2.55 -10.07 -15.84
CA ALA A 66 1.80 -9.47 -16.94
C ALA A 66 2.44 -9.82 -18.31
N LEU A 67 3.74 -9.56 -18.41
CA LEU A 67 4.49 -9.85 -19.63
C LEU A 67 4.30 -11.29 -20.03
N GLY A 68 4.44 -12.20 -19.06
CA GLY A 68 4.29 -13.64 -19.30
C GLY A 68 2.95 -14.08 -19.85
N ALA A 69 1.88 -13.37 -19.50
CA ALA A 69 0.54 -13.62 -20.03
C ALA A 69 0.26 -12.88 -21.35
N GLY A 70 1.20 -12.07 -21.84
CA GLY A 70 0.92 -11.17 -22.97
C GLY A 70 0.06 -9.94 -22.66
N TRP A 71 -0.05 -9.56 -21.39
CA TRP A 71 -0.86 -8.38 -20.97
C TRP A 71 0.06 -7.15 -21.02
N ASN A 72 0.37 -6.76 -22.24
CA ASN A 72 1.44 -5.83 -22.50
C ASN A 72 1.13 -4.42 -22.04
N GLY A 73 -0.13 -4.01 -22.18
CA GLY A 73 -0.54 -2.71 -21.71
C GLY A 73 -0.40 -2.58 -20.20
N VAL A 74 -0.57 -3.69 -19.50
CA VAL A 74 -0.50 -3.74 -18.03
C VAL A 74 0.99 -3.72 -17.58
N ALA A 75 1.86 -4.42 -18.30
CA ALA A 75 3.30 -4.43 -18.02
C ALA A 75 3.88 -3.03 -18.23
N GLN A 76 3.35 -2.30 -19.21
CA GLN A 76 3.72 -0.88 -19.41
C GLN A 76 3.22 0.05 -18.31
N GLU A 77 1.98 -0.10 -17.88
CA GLU A 77 1.46 0.73 -16.80
C GLU A 77 2.27 0.53 -15.52
N LEU A 78 2.57 -0.71 -15.20
CA LEU A 78 3.34 -1.09 -14.00
C LEU A 78 4.78 -0.52 -14.03
N GLN A 79 5.40 -0.54 -15.21
CA GLN A 79 6.71 0.04 -15.43
C GLN A 79 6.71 1.57 -15.20
N GLU A 80 5.70 2.27 -15.70
CA GLU A 80 5.55 3.70 -15.39
C GLU A 80 5.41 3.92 -13.87
N ASN A 81 4.68 3.03 -13.18
CA ASN A 81 4.56 3.10 -11.72
C ASN A 81 5.90 2.85 -11.01
N ILE A 82 6.59 1.77 -11.38
CA ILE A 82 7.95 1.50 -10.91
C ILE A 82 8.84 2.73 -11.11
N ASP A 83 8.75 3.36 -12.26
CA ASP A 83 9.60 4.53 -12.58
C ASP A 83 9.31 5.70 -11.65
N GLU A 84 8.03 6.01 -11.41
CA GLU A 84 7.66 7.03 -10.41
C GLU A 84 8.22 6.69 -9.04
N GLU A 85 7.94 5.48 -8.55
CA GLU A 85 8.40 5.02 -7.23
C GLU A 85 9.90 5.15 -7.06
N GLY A 87 11.79 7.37 -8.66
CA GLY A 87 12.16 8.80 -8.69
C GLY A 87 12.16 9.55 -10.00
N SER A 88 11.31 9.17 -10.95
CA SER A 88 11.32 9.82 -12.27
C SER A 88 10.76 11.26 -12.21
N THR A 89 9.73 11.47 -11.39
CA THR A 89 9.11 12.80 -11.15
C THR A 89 9.79 13.65 -10.03
N THR A 90 10.83 13.10 -9.38
CA THR A 90 11.53 13.76 -8.26
C THR A 90 13.06 13.74 -8.41
N GLY A 91 13.56 13.60 -9.64
CA GLY A 91 15.00 13.67 -9.94
C GLY A 91 15.88 12.53 -9.46
N GLY A 92 15.38 11.30 -9.58
CA GLY A 92 16.13 10.10 -9.18
C GLY A 92 16.14 9.73 -7.71
N ILE A 93 15.32 10.41 -6.87
CA ILE A 93 15.14 10.07 -5.44
C ILE A 93 13.86 9.24 -5.23
N SER A 94 13.99 8.02 -4.71
CA SER A 94 12.87 7.13 -4.59
C SER A 94 11.88 7.70 -3.57
N HIS A 95 10.62 7.30 -3.69
CA HIS A 95 9.62 7.59 -2.66
C HIS A 95 10.03 7.04 -1.28
N TYR A 96 10.60 5.82 -1.24
CA TYR A 96 11.07 5.27 0.04
C TYR A 96 12.11 6.17 0.70
N THR A 97 13.11 6.60 -0.08
CA THR A 97 14.11 7.55 0.41
C THR A 97 13.46 8.86 0.84
N LEU A 98 12.53 9.41 0.07
CA LEU A 98 11.85 10.63 0.52
C LEU A 98 11.15 10.41 1.86
N LEU A 99 10.49 9.26 2.05
CA LEU A 99 9.79 8.94 3.30
C LEU A 99 10.74 8.76 4.49
N ALA A 100 11.77 7.93 4.28
CA ALA A 100 12.76 7.57 5.27
C ALA A 100 13.44 8.80 5.82
N ASP A 101 13.92 9.65 4.90
CA ASP A 101 14.62 10.90 5.28
C ASP A 101 13.70 11.89 5.98
N GLY A 102 12.47 11.94 5.50
CA GLY A 102 11.43 12.80 6.08
C GLY A 102 11.10 12.47 7.50
N LEU A 103 10.98 11.16 7.78
CA LEU A 103 10.78 10.63 9.16
C LEU A 103 11.99 10.83 10.05
N GLU A 104 13.17 10.57 9.52
CA GLU A 104 14.38 10.76 10.35
C GLU A 104 14.70 12.20 10.70
N GLU A 105 14.72 13.06 9.69
CA GLU A 105 15.07 14.46 9.88
C GLU A 105 13.91 15.24 10.47
N GLY A 106 12.69 14.92 10.05
CA GLY A 106 11.50 15.59 10.59
C GLY A 106 11.07 15.18 11.99
N LEU A 107 11.14 13.88 12.30
CA LEU A 107 10.57 13.33 13.52
C LEU A 107 11.62 12.83 14.50
N GLY A 108 12.83 12.58 14.03
CA GLY A 108 13.83 11.85 14.82
C GLY A 108 13.64 10.34 14.84
N VAL A 109 12.86 9.83 13.88
CA VAL A 109 12.55 8.41 13.78
C VAL A 109 13.29 7.81 12.57
N ALA A 110 14.37 7.08 12.87
CA ALA A 110 15.21 6.36 11.91
C ALA A 110 14.65 5.00 11.50
N VAL A 111 14.53 4.77 10.19
CA VAL A 111 13.95 3.52 9.68
C VAL A 111 14.85 2.73 8.74
N LYS A 112 15.91 3.33 8.26
CA LYS A 112 16.70 2.66 7.24
C LYS A 112 17.30 1.32 7.69
N ASN A 113 17.60 1.17 8.98
CA ASN A 113 18.18 -0.10 9.48
C ASN A 113 17.18 -1.09 10.06
N THR A 114 15.89 -0.77 9.96
CA THR A 114 14.87 -1.61 10.53
C THR A 114 14.84 -3.02 9.97
N PRO A 116 12.51 -6.60 9.94
CA PRO A 116 11.11 -6.93 10.08
C PRO A 116 10.73 -7.69 11.37
N SER A 117 9.62 -7.28 11.98
CA SER A 117 9.07 -8.00 13.12
C SER A 117 8.46 -9.33 12.67
N VAL A 118 7.95 -10.09 13.64
CA VAL A 118 7.24 -11.35 13.32
C VAL A 118 6.06 -11.06 12.40
N ALA A 119 5.26 -10.06 12.74
CA ALA A 119 4.13 -9.62 11.91
C ALA A 119 4.54 -9.22 10.49
N THR A 120 5.62 -8.47 10.41
CA THR A 120 6.01 -7.90 9.15
C THR A 120 6.59 -8.97 8.25
N SER A 121 7.35 -9.91 8.83
CA SER A 121 7.88 -11.08 8.11
C SER A 121 6.77 -12.01 7.61
N LYS A 122 5.74 -12.23 8.44
CA LYS A 122 4.52 -12.90 8.01
C LYS A 122 3.84 -12.21 6.83
N LEU A 123 3.66 -10.90 6.88
CA LEU A 123 3.05 -10.24 5.74
C LEU A 123 3.90 -10.47 4.49
N LEU A 124 5.23 -10.38 4.60
CA LEU A 124 6.10 -10.47 3.42
C LEU A 124 6.01 -11.81 2.78
N ARG A 125 6.09 -12.88 3.58
CA ARG A 125 5.91 -14.26 3.10
C ARG A 125 4.57 -14.51 2.38
N THR A 126 3.47 -14.11 2.99
CA THR A 126 2.14 -14.17 2.39
C THR A 126 2.09 -13.46 1.05
N VAL A 127 2.49 -12.19 1.00
CA VAL A 127 2.49 -11.42 -0.24
C VAL A 127 3.28 -12.12 -1.35
N LEU A 128 4.46 -12.65 -1.03
CA LEU A 128 5.31 -13.35 -2.01
C LEU A 128 4.66 -14.68 -2.49
N SER A 129 3.87 -15.28 -1.61
CA SER A 129 3.10 -16.46 -1.98
C SER A 129 1.95 -16.16 -2.96
N LEU A 130 1.30 -15.00 -2.82
CA LEU A 130 0.25 -14.54 -3.72
C LEU A 130 0.78 -14.30 -5.10
N PHE A 131 1.97 -13.65 -5.14
CA PHE A 131 2.65 -13.22 -6.40
C PHE A 131 3.21 -14.36 -7.20
N ASP A 132 2.92 -15.59 -6.77
CA ASP A 132 3.30 -16.82 -7.43
C ASP A 132 2.08 -17.54 -7.99
N ARG A 133 0.90 -16.92 -7.95
CA ARG A 133 -0.30 -17.47 -8.61
C ARG A 133 -0.32 -17.05 -10.09
N GLN A 134 -1.46 -17.20 -10.75
CA GLN A 134 -1.64 -16.75 -12.13
C GLN A 134 -1.94 -15.25 -12.23
N VAL A 135 -1.76 -14.72 -13.43
CA VAL A 135 -1.82 -13.27 -13.68
C VAL A 135 -3.11 -12.62 -13.12
N ASP A 136 -4.28 -13.22 -13.36
CA ASP A 136 -5.53 -12.60 -12.89
C ASP A 136 -5.56 -12.42 -11.36
N TYR A 137 -5.15 -13.43 -10.62
CA TYR A 137 -5.09 -13.37 -9.16
C TYR A 137 -4.04 -12.35 -8.72
N VAL A 138 -2.87 -12.40 -9.36
CA VAL A 138 -1.78 -11.46 -8.99
C VAL A 138 -2.12 -9.98 -9.28
N LEU A 139 -2.88 -9.72 -10.34
CA LEU A 139 -3.26 -8.35 -10.64
C LEU A 139 -4.33 -7.84 -9.71
N GLY A 140 -5.11 -8.75 -9.14
CA GLY A 140 -6.14 -8.39 -8.13
C GLY A 140 -5.49 -7.97 -6.84
N ALA A 141 -4.43 -8.69 -6.47
CA ALA A 141 -3.62 -8.33 -5.29
C ALA A 141 -2.92 -6.98 -5.52
N THR A 142 -2.50 -6.70 -6.75
CA THR A 142 -1.79 -5.49 -7.10
C THR A 142 -2.75 -4.32 -7.09
N TYR A 143 -4.00 -4.57 -7.52
CA TYR A 143 -5.05 -3.61 -7.49
C TYR A 143 -5.45 -3.21 -6.06
N ALA A 144 -5.39 -4.15 -5.13
CA ALA A 144 -5.60 -3.88 -3.67
C ALA A 144 -4.61 -2.91 -3.05
N ILE A 145 -3.36 -2.97 -3.49
CA ILE A 145 -2.30 -2.08 -3.05
C ILE A 145 -2.70 -0.69 -3.49
N GLU A 146 -3.14 -0.55 -4.72
CA GLU A 146 -3.66 0.73 -5.22
C GLU A 146 -4.89 1.23 -4.48
N ALA A 147 -5.85 0.34 -4.25
CA ALA A 147 -7.11 0.75 -3.60
C ALA A 147 -6.92 1.12 -2.13
N THR A 148 -5.93 0.56 -1.48
CA THR A 148 -5.64 0.87 -0.06
C THR A 148 -4.68 2.07 0.14
N SER A 149 -4.13 2.58 -0.95
N SER A 149 -4.11 2.58 -0.94
CA SER A 149 -3.09 3.63 -0.92
CA SER A 149 -3.06 3.62 -0.87
C SER A 149 -3.49 4.89 -0.18
C SER A 149 -3.49 4.90 -0.17
N ILE A 150 -4.64 5.45 -0.55
CA ILE A 150 -5.14 6.67 0.08
C ILE A 150 -5.55 6.45 1.56
N PRO A 151 -6.29 5.36 1.89
CA PRO A 151 -6.56 5.02 3.28
C PRO A 151 -5.31 4.83 4.16
N GLU A 152 -4.33 4.09 3.64
N GLU A 152 -4.30 4.11 3.68
CA GLU A 152 -3.03 3.86 4.28
CA GLU A 152 -3.05 3.91 4.47
C GLU A 152 -2.32 5.20 4.54
C GLU A 152 -2.22 5.19 4.55
N LEU A 153 -2.26 6.01 3.51
CA LEU A 153 -1.63 7.32 3.58
C LEU A 153 -2.31 8.22 4.63
N THR A 154 -3.63 8.22 4.67
CA THR A 154 -4.39 8.98 5.70
C THR A 154 -4.03 8.54 7.10
N LEU A 155 -3.88 7.22 7.31
N LEU A 155 -3.88 7.23 7.27
CA LEU A 155 -3.43 6.70 8.58
CA LEU A 155 -3.43 6.66 8.52
C LEU A 155 -2.03 7.21 8.95
C LEU A 155 -2.05 7.18 8.94
N ILE A 156 -1.12 7.24 7.99
CA ILE A 156 0.26 7.62 8.29
C ILE A 156 0.31 9.10 8.64
N VAL A 157 -0.48 9.92 7.97
CA VAL A 157 -0.62 11.33 8.38
C VAL A 157 -1.00 11.47 9.88
N LYS A 158 -2.04 10.78 10.35
N LYS A 158 -2.04 10.75 10.31
CA LYS A 158 -2.43 10.87 11.75
CA LYS A 158 -2.53 10.73 11.69
C LYS A 158 -1.32 10.44 12.69
C LYS A 158 -1.46 10.33 12.72
N LEU A 159 -0.62 9.36 12.37
CA LEU A 159 0.46 8.89 13.20
C LEU A 159 1.59 9.93 13.28
N VAL A 160 1.90 10.56 12.13
CA VAL A 160 2.88 11.67 12.05
C VAL A 160 2.40 12.89 12.84
N GLU A 161 1.14 13.25 12.74
CA GLU A 161 0.60 14.35 13.58
C GLU A 161 0.63 14.08 15.09
N TRP A 162 0.49 12.83 15.49
CA TRP A 162 0.50 12.41 16.86
C TRP A 162 1.94 12.44 17.40
N LEU A 163 2.87 11.92 16.61
CA LEU A 163 4.31 11.96 16.91
C LEU A 163 4.96 13.35 16.90
N HIS A 164 4.28 14.38 16.35
CA HIS A 164 4.90 15.70 16.14
C HIS A 164 3.94 16.83 16.53
N GLU A 165 3.23 16.69 17.64
CA GLU A 165 2.44 17.81 18.20
C GLU A 165 1.33 18.37 17.26
N GLY A 166 0.78 17.52 16.38
CA GLY A 166 -0.29 17.93 15.46
C GLY A 166 0.17 18.51 14.11
N ALA A 167 1.45 18.87 14.02
CA ALA A 167 2.00 19.51 12.81
C ALA A 167 2.69 18.48 11.91
N ILE A 168 3.03 18.90 10.67
CA ILE A 168 3.74 18.04 9.69
C ILE A 168 5.02 18.74 9.25
N PRO A 169 6.18 18.09 9.46
CA PRO A 169 7.47 18.68 9.03
C PRO A 169 7.46 18.92 7.51
N LYS A 170 8.27 19.84 7.03
CA LYS A 170 8.19 20.32 5.64
C LYS A 170 8.33 19.22 4.59
N ASP A 171 9.34 18.36 4.71
CA ASP A 171 9.55 17.30 3.72
C ASP A 171 8.47 16.21 3.64
N LEU A 172 7.89 15.84 4.80
CA LEU A 172 6.80 14.86 4.85
C LEU A 172 5.55 15.50 4.28
N GLN A 173 5.38 16.81 4.47
CA GLN A 173 4.26 17.53 3.87
C GLN A 173 4.32 17.51 2.31
N TYR A 174 5.51 17.74 1.76
CA TYR A 174 5.73 17.58 0.31
C TYR A 174 5.27 16.23 -0.13
N PHE A 175 5.81 15.20 0.50
CA PHE A 175 5.52 13.78 0.20
C PHE A 175 4.03 13.46 0.25
N PHE A 176 3.34 13.90 1.30
CA PHE A 176 1.91 13.62 1.42
C PHE A 176 1.12 14.38 0.37
N SER A 177 1.53 15.61 0.12
CA SER A 177 0.86 16.47 -0.86
C SER A 177 0.93 15.92 -2.28
N LYS A 178 2.06 15.35 -2.66
CA LYS A 178 2.22 14.90 -4.03
C LYS A 178 1.43 13.64 -4.29
N HIS A 179 1.31 12.79 -3.26
CA HIS A 179 0.52 11.55 -3.33
C HIS A 179 -1.00 11.77 -3.24
N LEU A 180 -1.45 12.33 -2.12
CA LEU A 180 -2.87 12.57 -1.82
C LEU A 180 -3.31 13.82 -2.56
N ASP A 181 -3.54 13.66 -3.86
CA ASP A 181 -3.41 14.74 -4.83
C ASP A 181 -4.33 14.45 -6.01
N GLU A 182 -3.76 13.94 -7.11
CA GLU A 182 -4.46 13.00 -7.98
C GLU A 182 -3.57 11.76 -7.99
N TRP A 183 -4.18 10.62 -7.68
CA TRP A 183 -3.48 9.37 -7.37
C TRP A 183 -4.04 8.84 -6.06
N ILE A 185 -6.30 8.25 -8.15
CA ILE A 185 -7.26 8.58 -9.21
C ILE A 185 -6.62 8.34 -10.59
N GLU A 186 -5.59 9.10 -10.94
CA GLU A 186 -4.87 8.92 -12.21
C GLU A 186 -4.17 7.57 -12.21
N HIS A 187 -3.58 7.24 -11.06
CA HIS A 187 -2.92 5.94 -10.81
C HIS A 187 -3.90 4.78 -10.84
N GLU A 188 -5.02 4.97 -10.16
CA GLU A 188 -6.03 3.92 -10.03
C GLU A 188 -6.66 3.65 -11.39
N ALA A 189 -7.00 4.70 -12.12
CA ALA A 189 -7.64 4.62 -13.45
C ALA A 189 -6.74 3.97 -14.48
N GLY A 190 -5.44 4.26 -14.37
CA GLY A 190 -4.48 3.76 -15.32
C GLY A 190 -4.38 2.26 -15.20
N LEU A 191 -4.28 1.76 -13.96
CA LEU A 191 -4.20 0.29 -13.73
C LEU A 191 -5.50 -0.42 -14.06
N ARG A 192 -6.63 0.13 -13.58
CA ARG A 192 -7.95 -0.39 -13.92
C ARG A 192 -8.14 -0.51 -15.43
N THR A 193 -7.94 0.56 -16.19
N THR A 193 -7.92 0.58 -16.16
CA THR A 193 -8.23 0.51 -17.63
CA THR A 193 -8.15 0.64 -17.61
C THR A 193 -7.23 -0.35 -18.39
C THR A 193 -7.24 -0.32 -18.38
N SER A 194 -5.99 -0.43 -17.92
CA SER A 194 -4.99 -1.29 -18.58
C SER A 194 -5.37 -2.79 -18.43
N VAL A 195 -5.81 -3.17 -17.24
CA VAL A 195 -6.23 -4.58 -16.97
C VAL A 195 -7.56 -4.94 -17.72
N ALA A 196 -8.48 -3.98 -17.79
CA ALA A 196 -9.77 -4.17 -18.50
C ALA A 196 -9.58 -4.47 -19.99
N ALA A 197 -8.43 -4.09 -20.53
CA ALA A 197 -8.09 -4.42 -21.91
C ALA A 197 -7.82 -5.91 -22.16
N TYR A 198 -7.51 -6.70 -21.12
CA TYR A 198 -7.14 -8.13 -21.30
C TYR A 198 -8.00 -9.13 -20.52
N ILE A 199 -8.47 -8.74 -19.34
CA ILE A 199 -9.19 -9.65 -18.44
C ILE A 199 -10.56 -10.03 -19.02
N GLN A 200 -10.92 -11.32 -18.88
CA GLN A 200 -12.20 -11.90 -19.31
C GLN A 200 -13.11 -12.13 -18.12
N PRO A 201 -14.45 -12.08 -18.32
CA PRO A 201 -15.37 -12.25 -17.19
C PRO A 201 -15.18 -13.54 -16.41
N GLU A 202 -14.82 -14.64 -17.07
CA GLU A 202 -14.55 -15.88 -16.36
C GLU A 202 -13.28 -15.84 -15.46
N GLU A 203 -12.49 -14.76 -15.52
CA GLU A 203 -11.31 -14.58 -14.67
C GLU A 203 -11.58 -13.58 -13.52
N PHE A 204 -12.80 -13.06 -13.41
CA PHE A 204 -13.13 -12.06 -12.35
C PHE A 204 -13.07 -12.68 -10.96
N GLY A 205 -13.44 -13.96 -10.86
CA GLY A 205 -13.35 -14.66 -9.63
C GLY A 205 -11.95 -14.70 -9.08
N GLU A 206 -10.97 -15.08 -9.90
CA GLU A 206 -9.57 -15.07 -9.47
C GLU A 206 -9.03 -13.68 -9.15
N PHE A 207 -9.40 -12.69 -9.92
CA PHE A 207 -9.03 -11.31 -9.62
C PHE A 207 -9.58 -10.89 -8.24
N ALA A 208 -10.87 -11.14 -7.97
CA ALA A 208 -11.44 -10.83 -6.64
C ALA A 208 -10.78 -11.58 -5.47
N ALA A 209 -10.49 -12.89 -5.66
CA ALA A 209 -9.74 -13.68 -4.67
C ALA A 209 -8.33 -13.15 -4.37
N GLY A 210 -7.59 -12.73 -5.39
CA GLY A 210 -6.33 -12.02 -5.21
C GLY A 210 -6.43 -10.78 -4.37
N PHE A 211 -7.42 -9.97 -4.69
CA PHE A 211 -7.75 -8.72 -3.98
C PHE A 211 -8.04 -8.97 -2.50
N ARG A 212 -9.01 -9.87 -2.25
N ARG A 212 -8.99 -9.88 -2.27
CA ARG A 212 -9.36 -10.32 -0.89
CA ARG A 212 -9.38 -10.34 -0.92
C ARG A 212 -8.14 -10.80 -0.08
C ARG A 212 -8.16 -10.81 -0.10
N ALA A 213 -7.32 -11.66 -0.69
CA ALA A 213 -6.12 -12.22 -0.03
C ALA A 213 -5.14 -11.16 0.44
N ILE A 215 -5.89 -7.75 1.04
CA ILE A 215 -6.45 -6.88 2.09
C ILE A 215 -6.61 -7.65 3.41
N ASP A 216 -6.86 -8.98 3.34
CA ASP A 216 -6.82 -9.84 4.52
C ASP A 216 -5.45 -9.81 5.18
N ALA A 217 -4.40 -10.07 4.39
CA ALA A 217 -3.01 -10.08 4.86
C ALA A 217 -2.60 -8.76 5.46
N GLN A 219 -4.72 -6.31 6.66
CA GLN A 219 -5.44 -6.09 7.91
C GLN A 219 -4.87 -6.90 9.10
N VAL A 220 -4.58 -8.17 8.85
N VAL A 220 -4.57 -8.17 8.86
CA VAL A 220 -3.93 -9.03 9.85
CA VAL A 220 -3.95 -9.02 9.85
C VAL A 220 -2.63 -8.38 10.33
C VAL A 220 -2.61 -8.42 10.33
N TRP A 221 -1.87 -7.80 9.42
CA TRP A 221 -0.63 -7.12 9.79
C TRP A 221 -0.84 -5.95 10.75
N TRP A 222 -1.76 -5.01 10.47
CA TRP A 222 -2.04 -3.93 11.38
C TRP A 222 -2.46 -4.42 12.77
N GLN A 223 -3.26 -5.48 12.80
CA GLN A 223 -3.77 -6.09 14.04
C GLN A 223 -2.65 -6.68 14.88
N GLU A 224 -1.78 -7.41 14.22
CA GLU A 224 -0.62 -8.02 14.87
C GLU A 224 0.43 -7.03 15.30
N LEU A 225 0.71 -6.05 14.44
CA LEU A 225 1.55 -4.90 14.83
C LEU A 225 1.05 -4.11 16.07
N ALA A 226 -0.26 -3.92 16.18
CA ALA A 226 -0.82 -3.20 17.35
C ALA A 226 -0.52 -3.99 18.62
N GLN A 227 -0.63 -5.32 18.53
CA GLN A 227 -0.40 -6.23 19.64
C GLN A 227 1.08 -6.34 20.04
N GLU A 228 1.98 -6.39 19.06
CA GLU A 228 3.41 -6.28 19.28
C GLU A 228 3.82 -5.00 19.97
N ALA A 229 3.29 -3.87 19.47
CA ALA A 229 3.78 -2.55 19.81
C ALA A 229 3.22 -2.01 21.11
N ILE A 230 1.95 -2.26 21.39
CA ILE A 230 1.26 -1.51 22.46
C ILE A 230 0.88 -2.42 23.62
N SER A 231 0.46 -3.65 23.35
CA SER A 231 0.48 -4.71 24.38
C SER A 231 0.97 -6.02 23.80
#